data_8U5K
#
_entry.id   8U5K
#
_cell.length_a   37.191
_cell.length_b   181.726
_cell.length_c   108.760
_cell.angle_alpha   90.000
_cell.angle_beta   90.000
_cell.angle_gamma   90.000
#
_symmetry.space_group_name_H-M   'C 2 2 21'
#
loop_
_entity.id
_entity.type
_entity.pdbx_description
1 polymer 'Mango II'
2 non-polymer 'POTASSIUM ION'
3 non-polymer 2-[(~{E})-[6-(4-methoxyphenyl)-1-methyl-quinolin-4-ylidene]methyl]-3-methyl-1,3-benzothiazole
4 water water
#
_entity_poly.entity_id   1
_entity_poly.type   'polyribonucleotide'
_entity_poly.pdbx_seq_one_letter_code
;GCGUACGAAGGAGAGGAGAGGAAGAGGAGAGUACGC
;
_entity_poly.pdbx_strand_id   A,B,C
#
loop_
_chem_comp.id
_chem_comp.type
_chem_comp.name
_chem_comp.formula
A RNA linking ADENOSINE-5'-MONOPHOSPHATE 'C10 H14 N5 O7 P'
C RNA linking CYTIDINE-5'-MONOPHOSPHATE 'C9 H14 N3 O8 P'
G RNA linking GUANOSINE-5'-MONOPHOSPHATE 'C10 H14 N5 O8 P'
K non-polymer 'POTASSIUM ION' 'K 1'
U RNA linking URIDINE-5'-MONOPHOSPHATE 'C9 H13 N2 O9 P'
VK0 non-polymer 2-[(~{E})-[6-(4-methoxyphenyl)-1-methyl-quinolin-4-ylidene]methyl]-3-methyl-1,3-benzothiazole 'C26 H23 N2 O S 1'
#
# COMPACT_ATOMS: atom_id res chain seq x y z
K K D . 3.37 -2.95 -19.31
K K E . 6.23 -0.80 -19.92
K K F . 8.53 1.34 -20.58
C1 VK0 G . 1.71 -8.75 -14.27
C2 VK0 G . 1.96 -9.36 -16.56
C3 VK0 G . 1.08 -8.32 -16.76
C4 VK0 G . 0.62 -8.04 -18.04
C5 VK0 G . 1.04 -8.79 -19.14
C6 VK0 G . 0.49 -8.45 -20.47
C7 VK0 G . 0.86 -9.08 -21.67
C8 VK0 G . 0.28 -8.71 -22.88
C9 VK0 G . -0.70 -7.70 -22.93
C10 VK0 G . -1.08 -7.08 -21.72
C11 VK0 G . -0.48 -7.46 -20.53
C12 VK0 G . -2.05 -6.06 -21.74
C16 VK0 G . -4.84 -1.41 -18.52
C17 VK0 G . -4.88 -1.04 -17.20
C18 VK0 G . -4.13 -1.70 -16.24
C19 VK0 G . -3.32 -2.76 -16.56
C20 VK0 G . -3.27 -3.15 -17.89
C21 VK0 G . -1.58 -4.96 -17.61
O1 VK0 G . 2.35 -9.56 -15.26
N1 VK0 G . -2.53 -4.20 -18.43
C13 VK0 G . -2.28 -5.55 -20.41
C14 VK0 G . -2.79 -4.44 -19.74
C15 VK0 G . -4.03 -2.48 -18.86
C22 VK0 G . -2.64 -5.71 -22.93
C23 VK0 G . -2.24 -6.35 -24.09
C24 VK0 G . -0.91 -7.90 -25.39
C25 VK0 G . 1.93 -9.84 -18.91
C26 VK0 G . 2.38 -10.13 -17.63
N2 VK0 G . -1.30 -7.29 -24.10
S1 VK0 G . -3.77 -3.19 -20.43
K K H . 2.45 4.99 8.60
K K I . 4.15 7.68 7.44
C1 VK0 J . 9.67 8.70 1.54
C2 VK0 J . 8.00 10.32 0.99
C3 VK0 J . 7.22 10.97 0.06
C4 VK0 J . 6.12 11.70 0.48
C5 VK0 J . 5.80 11.83 1.84
C6 VK0 J . 4.62 12.59 2.29
C7 VK0 J . 3.47 12.67 1.49
C8 VK0 J . 2.35 13.37 1.88
C9 VK0 J . 2.36 14.05 3.11
C10 VK0 J . 3.50 14.02 3.92
C11 VK0 J . 4.62 13.28 3.49
C12 VK0 J . 3.48 14.72 5.16
C16 VK0 J . 7.88 12.96 9.34
C17 VK0 J . 7.99 13.33 10.66
C18 VK0 J . 7.10 14.23 11.23
C19 VK0 J . 6.08 14.80 10.50
C20 VK0 J . 5.96 14.44 9.17
C21 VK0 J . 3.92 15.77 8.66
O1 VK0 J . 9.09 9.58 0.59
N1 VK0 J . 5.01 14.89 8.25
C13 VK0 J . 4.71 15.04 5.81
C14 VK0 J . 5.26 14.50 6.97
C15 VK0 J . 6.86 13.52 8.59
C22 VK0 J . 2.26 15.15 5.64
C23 VK0 J . 1.17 15.18 4.80
C24 VK0 J . 0.12 15.02 2.63
C25 VK0 J . 6.60 11.14 2.75
C26 VK0 J . 7.69 10.40 2.35
N2 VK0 J . 1.24 14.78 3.54
S1 VK0 J . 6.47 13.25 6.92
K K K . -0.85 -0.08 11.01
K K L . -2.32 -3.03 11.99
K K M . 0.91 2.29 9.72
C1 VK0 N . 1.56 -11.31 14.57
C2 VK0 N . -0.28 -9.79 14.57
C3 VK0 N . -1.36 -9.19 13.93
C4 VK0 N . -2.25 -8.42 14.66
C5 VK0 N . -2.09 -8.22 16.03
C6 VK0 N . -3.04 -7.40 16.82
C7 VK0 N . -2.69 -6.94 18.09
C8 VK0 N . -3.56 -6.18 18.86
C9 VK0 N . -4.83 -5.88 18.35
C10 VK0 N . -5.22 -6.35 17.09
C11 VK0 N . -4.31 -7.12 16.33
C12 VK0 N . -6.54 -6.01 16.63
C16 VK0 N . -6.57 -7.72 10.57
C17 VK0 N . -7.55 -7.66 9.62
C18 VK0 N . -8.80 -7.09 9.90
C19 VK0 N . -9.09 -6.56 11.13
C20 VK0 N . -8.11 -6.63 12.11
C21 VK0 N . -9.31 -5.35 13.88
O1 VK0 N . 0.60 -10.55 13.85
N1 VK0 N . -8.18 -6.17 13.42
C13 VK0 N . -7.23 -6.72 15.60
C14 VK0 N . -7.17 -6.62 14.21
C15 VK0 N . -6.85 -7.20 11.84
C22 VK0 N . -7.21 -4.98 17.28
C23 VK0 N . -6.80 -4.59 18.53
C24 VK0 N . -5.47 -4.86 20.54
C25 VK0 N . -0.99 -8.83 16.65
C26 VK0 N . -0.10 -9.60 15.93
N2 VK0 N . -5.72 -5.12 19.11
S1 VK0 N . -5.83 -7.12 13.23
#